data_4HWB
#
_entry.id   4HWB
#
_cell.length_a   123.480
_cell.length_b   123.480
_cell.length_c   181.430
_cell.angle_alpha   90.00
_cell.angle_beta   90.00
_cell.angle_gamma   90.00
#
_symmetry.space_group_name_H-M   'P 41 2 2'
#
loop_
_entity.id
_entity.type
_entity.pdbx_description
1 polymer 'Interleukin-13 receptor subunit alpha-1'
2 polymer 'Fab heavy chain'
3 polymer 'Fab light chain'
4 non-polymer 'SULFATE ION'
5 non-polymer '2-[N-CYCLOHEXYLAMINO]ETHANE SULFONIC ACID'
6 water water
#
loop_
_entity_poly.entity_id
_entity_poly.type
_entity_poly.pdbx_seq_one_letter_code
_entity_poly.pdbx_strand_id
1 'polypeptide(L)'
;TSRVKPDPPHIKNLSFHNDDLYVQWENPQNFISRCLFYEVEVNNSQTETHNVFYVQEAKCENPEFERNVENTSCFMVPGV
LPDTLNTVRIRVKTNKLCYEDDKLWSNWSQEMSIHHHHHHHH
;
A
2 'polypeptide(L)'
;AEVQLVQSGAEVKKPGESLKISCKGSGYSFTSYWIGWVRQMPGKGLEWMGVIYPGDSYTRYSPSFQGQVTISADKSISTA
YLQWSSLKASDTAMYYCARMPNWGSFDYWGQGTLVTVSSASTKGPSVFPLAPSSKSTSGGTAALGCLVKDYFPEPVTVSW
NSGALTSGVHTFPAVLQSSGLYSLSSVVTVPSSSLGTQTYICNVNHKPSNTKVDKKVEPKSCDKTHL
;
H
3 'polypeptide(L)'
;EVVLTQSPGTLSLSPGERATLSCRASQSISSSYLAWYQQKPGQAPRLLIYGASSRATGIPDRFSGSGSGTDFTLTISRLE
PEDFAVYYCQQYETFGQGTKVEIKRTVAAPSVFIFPPSDEQLKSGTASVVCLLNNFYPREAKVQWKVDNALQSGNSQESV
TEQDSKDSTYSLSSTLTLSKADYEKHKVYACEVTHQGLSSPVTKSFNRGECA
;
L
#
loop_
_chem_comp.id
_chem_comp.type
_chem_comp.name
_chem_comp.formula
NHE non-polymer '2-[N-CYCLOHEXYLAMINO]ETHANE SULFONIC ACID' 'C8 H17 N O3 S'
SO4 non-polymer 'SULFATE ION' 'O4 S -2'
#
# COMPACT_ATOMS: atom_id res chain seq x y z
N VAL A 4 2.39 -28.04 -5.97
CA VAL A 4 3.08 -27.63 -7.19
C VAL A 4 2.29 -28.02 -8.48
N LYS A 5 1.47 -29.08 -8.38
CA LYS A 5 0.66 -29.66 -9.48
C LYS A 5 -0.87 -29.41 -9.31
N PRO A 6 -1.64 -29.14 -10.43
CA PRO A 6 -3.10 -28.95 -10.30
C PRO A 6 -3.86 -30.22 -9.83
N ASP A 7 -5.15 -30.06 -9.46
CA ASP A 7 -5.95 -31.20 -9.00
C ASP A 7 -6.30 -32.11 -10.20
N PRO A 8 -5.87 -33.41 -10.17
CA PRO A 8 -6.12 -34.30 -11.33
C PRO A 8 -7.58 -34.63 -11.59
N PRO A 9 -7.96 -35.23 -12.76
CA PRO A 9 -9.37 -35.59 -12.98
C PRO A 9 -9.85 -36.68 -12.01
N HIS A 10 -11.17 -36.87 -11.86
CA HIS A 10 -11.61 -37.88 -10.89
C HIS A 10 -12.70 -38.80 -11.42
N ILE A 11 -12.44 -40.11 -11.45
CA ILE A 11 -13.42 -41.11 -11.91
C ILE A 11 -14.55 -41.33 -10.88
N LYS A 12 -15.81 -41.05 -11.27
CA LYS A 12 -17.00 -41.26 -10.43
C LYS A 12 -17.44 -42.73 -10.53
N ASN A 13 -17.54 -43.28 -11.77
CA ASN A 13 -17.94 -44.68 -12.04
C ASN A 13 -17.29 -45.27 -13.29
N LEU A 14 -17.11 -46.60 -13.30
CA LEU A 14 -16.56 -47.41 -14.38
C LEU A 14 -17.52 -48.55 -14.72
N SER A 15 -17.38 -49.10 -15.94
CA SER A 15 -18.13 -50.24 -16.45
C SER A 15 -17.33 -50.85 -17.60
N PHE A 16 -16.93 -52.12 -17.46
CA PHE A 16 -16.24 -52.85 -18.51
C PHE A 16 -17.34 -53.64 -19.11
N HIS A 17 -17.78 -53.20 -20.28
CA HIS A 17 -18.93 -53.74 -20.97
C HIS A 17 -18.57 -54.11 -22.39
N ASN A 18 -18.72 -55.39 -22.73
CA ASN A 18 -18.40 -55.99 -24.01
C ASN A 18 -17.06 -55.50 -24.59
N ASP A 19 -15.96 -55.66 -23.80
CA ASP A 19 -14.59 -55.27 -24.16
C ASP A 19 -14.33 -53.74 -24.21
N ASP A 20 -15.35 -52.92 -23.87
CA ASP A 20 -15.23 -51.46 -23.88
C ASP A 20 -15.29 -50.91 -22.47
N LEU A 21 -14.60 -49.80 -22.21
CA LEU A 21 -14.66 -49.18 -20.90
C LEU A 21 -15.48 -47.93 -20.98
N TYR A 22 -16.41 -47.76 -20.05
CA TYR A 22 -17.25 -46.58 -20.00
C TYR A 22 -16.94 -45.85 -18.70
N VAL A 23 -16.26 -44.68 -18.80
CA VAL A 23 -15.86 -43.91 -17.61
C VAL A 23 -16.80 -42.72 -17.35
N GLN A 24 -17.18 -42.53 -16.05
CA GLN A 24 -18.05 -41.45 -15.63
C GLN A 24 -17.21 -40.51 -14.82
N TRP A 25 -16.73 -39.43 -15.41
CA TRP A 25 -15.85 -38.51 -14.68
C TRP A 25 -16.60 -37.48 -13.91
N GLU A 26 -16.10 -37.14 -12.73
CA GLU A 26 -16.61 -36.01 -11.94
C GLU A 26 -16.03 -34.82 -12.76
N ASN A 27 -16.91 -34.04 -13.40
CA ASN A 27 -16.48 -32.91 -14.21
C ASN A 27 -16.94 -31.57 -13.64
N PRO A 28 -16.12 -30.88 -12.81
CA PRO A 28 -16.54 -29.56 -12.30
C PRO A 28 -16.36 -28.45 -13.32
N GLN A 29 -15.63 -28.72 -14.44
CA GLN A 29 -15.31 -27.79 -15.52
C GLN A 29 -14.56 -26.56 -14.99
N ASN A 30 -13.62 -26.77 -14.05
CA ASN A 30 -12.85 -25.66 -13.49
C ASN A 30 -12.06 -24.97 -14.57
N PHE A 31 -11.53 -25.75 -15.56
CA PHE A 31 -10.76 -25.18 -16.66
C PHE A 31 -11.56 -24.18 -17.42
N ILE A 32 -12.91 -24.34 -17.44
CA ILE A 32 -13.79 -23.36 -18.08
C ILE A 32 -14.08 -22.21 -17.10
N SER A 33 -14.67 -22.55 -15.93
CA SER A 33 -15.09 -21.61 -14.88
C SER A 33 -14.10 -20.48 -14.58
N ARG A 34 -12.77 -20.80 -14.58
CA ARG A 34 -11.67 -19.87 -14.30
C ARG A 34 -11.17 -19.09 -15.49
N CYS A 35 -11.47 -19.53 -16.72
CA CYS A 35 -10.92 -18.83 -17.88
C CYS A 35 -11.91 -17.96 -18.54
N LEU A 36 -13.16 -18.42 -18.63
CA LEU A 36 -14.18 -17.63 -19.30
C LEU A 36 -15.01 -16.72 -18.38
N PHE A 37 -15.54 -15.64 -18.98
CA PHE A 37 -16.42 -14.65 -18.37
C PHE A 37 -17.22 -13.97 -19.48
N TYR A 38 -18.41 -13.47 -19.13
CA TYR A 38 -19.26 -12.78 -20.11
C TYR A 38 -19.16 -11.30 -19.89
N GLU A 39 -19.19 -10.58 -20.99
CA GLU A 39 -19.23 -9.13 -21.04
C GLU A 39 -20.63 -8.90 -21.63
N VAL A 40 -21.48 -8.15 -20.92
CA VAL A 40 -22.88 -7.87 -21.30
C VAL A 40 -23.11 -6.37 -21.59
N GLU A 41 -23.62 -6.03 -22.77
CA GLU A 41 -23.92 -4.63 -23.13
C GLU A 41 -25.42 -4.40 -23.12
N VAL A 42 -25.86 -3.41 -22.35
CA VAL A 42 -27.27 -3.00 -22.24
C VAL A 42 -27.45 -1.56 -22.73
N ASN A 43 -28.43 -1.35 -23.62
CA ASN A 43 -28.78 -0.04 -24.19
C ASN A 43 -30.27 0.19 -23.88
N ASN A 44 -30.65 1.43 -23.52
CA ASN A 44 -32.05 1.78 -23.22
C ASN A 44 -32.46 3.14 -23.85
N SER A 45 -32.56 4.19 -22.99
CA SER A 45 -32.91 5.60 -23.28
C SER A 45 -32.99 6.37 -21.93
N GLN A 46 -31.93 6.22 -21.09
CA GLN A 46 -31.83 6.82 -19.75
C GLN A 46 -30.42 7.09 -19.11
N THR A 47 -29.32 6.26 -19.28
CA THR A 47 -29.01 5.06 -20.06
C THR A 47 -28.89 5.26 -21.58
N GLU A 48 -28.78 6.54 -22.02
CA GLU A 48 -28.62 6.98 -23.42
C GLU A 48 -27.24 6.58 -24.01
N THR A 49 -26.31 6.11 -23.12
CA THR A 49 -24.97 5.59 -23.41
C THR A 49 -24.95 4.07 -23.08
N HIS A 50 -24.14 3.30 -23.83
CA HIS A 50 -24.06 1.83 -23.68
C HIS A 50 -23.43 1.37 -22.34
N ASN A 51 -24.28 0.89 -21.42
CA ASN A 51 -23.88 0.35 -20.11
C ASN A 51 -23.31 -1.08 -20.32
N VAL A 52 -22.14 -1.37 -19.75
CA VAL A 52 -21.53 -2.70 -19.89
C VAL A 52 -21.01 -3.25 -18.58
N PHE A 53 -21.34 -4.50 -18.28
CA PHE A 53 -20.91 -5.21 -17.08
C PHE A 53 -20.35 -6.62 -17.35
N TYR A 54 -19.75 -7.25 -16.31
CA TYR A 54 -19.10 -8.53 -16.47
C TYR A 54 -19.73 -9.60 -15.59
N VAL A 55 -19.76 -10.85 -16.06
CA VAL A 55 -20.34 -12.01 -15.36
C VAL A 55 -19.29 -13.08 -15.10
N GLN A 56 -19.05 -13.41 -13.79
CA GLN A 56 -18.09 -14.44 -13.39
C GLN A 56 -18.84 -15.75 -13.12
N GLU A 57 -19.96 -15.67 -12.41
CA GLU A 57 -20.82 -16.80 -12.06
C GLU A 57 -22.14 -16.74 -12.82
N ALA A 58 -22.43 -17.78 -13.59
CA ALA A 58 -23.69 -17.93 -14.32
C ALA A 58 -24.45 -19.14 -13.71
N LYS A 59 -24.45 -19.21 -12.34
CA LYS A 59 -25.06 -20.29 -11.57
C LYS A 59 -26.53 -20.01 -11.22
N CYS A 60 -27.42 -21.02 -11.46
CA CYS A 60 -28.88 -21.01 -11.21
C CYS A 60 -29.18 -21.65 -9.82
N GLU A 61 -28.86 -20.93 -8.74
CA GLU A 61 -29.12 -21.41 -7.39
C GLU A 61 -30.54 -20.97 -6.96
N ASN A 62 -30.70 -19.69 -6.61
CA ASN A 62 -31.93 -19.06 -6.15
C ASN A 62 -31.68 -17.96 -5.12
N PRO A 63 -32.54 -17.77 -4.08
CA PRO A 63 -33.77 -18.51 -3.73
C PRO A 63 -35.06 -17.90 -4.31
N GLU A 64 -35.00 -17.44 -5.60
CA GLU A 64 -36.12 -16.82 -6.33
C GLU A 64 -37.14 -17.87 -6.86
N PHE A 65 -38.38 -17.43 -7.18
CA PHE A 65 -39.44 -18.31 -7.70
C PHE A 65 -39.20 -18.67 -9.19
N GLU A 66 -38.00 -19.25 -9.47
CA GLU A 66 -37.53 -19.67 -10.79
C GLU A 66 -37.29 -21.20 -10.86
N ARG A 67 -36.02 -21.63 -11.06
CA ARG A 67 -35.61 -23.04 -11.15
C ARG A 67 -34.12 -23.23 -10.79
N ASN A 68 -33.70 -24.50 -10.55
CA ASN A 68 -32.33 -24.89 -10.21
C ASN A 68 -31.70 -25.85 -11.27
N VAL A 69 -32.49 -26.21 -12.34
CA VAL A 69 -32.19 -27.11 -13.47
C VAL A 69 -30.89 -26.89 -14.29
N GLU A 70 -30.57 -27.87 -15.17
CA GLU A 70 -29.42 -27.85 -16.08
C GLU A 70 -29.88 -27.63 -17.54
N ASN A 71 -28.92 -27.17 -18.40
CA ASN A 71 -29.04 -26.73 -19.79
C ASN A 71 -29.47 -25.25 -19.78
N THR A 72 -29.27 -24.57 -18.61
CA THR A 72 -29.63 -23.19 -18.30
C THR A 72 -28.61 -22.37 -17.48
N SER A 73 -28.56 -21.05 -17.70
CA SER A 73 -27.65 -20.11 -17.05
C SER A 73 -28.40 -18.92 -16.46
N CYS A 74 -28.04 -18.51 -15.23
CA CYS A 74 -28.67 -17.37 -14.56
C CYS A 74 -27.68 -16.26 -14.27
N PHE A 75 -28.11 -15.00 -14.42
CA PHE A 75 -27.34 -13.82 -14.01
C PHE A 75 -28.09 -12.53 -13.88
N MET A 76 -27.66 -11.72 -12.94
CA MET A 76 -28.26 -10.43 -12.68
C MET A 76 -27.87 -9.43 -13.75
N VAL A 77 -28.86 -8.81 -14.38
CA VAL A 77 -28.60 -7.82 -15.42
C VAL A 77 -28.90 -6.40 -14.87
N PRO A 78 -27.89 -5.64 -14.37
CA PRO A 78 -28.18 -4.25 -13.94
C PRO A 78 -28.36 -3.36 -15.19
N GLY A 79 -29.02 -2.21 -15.02
CA GLY A 79 -29.28 -1.25 -16.09
C GLY A 79 -30.59 -1.40 -16.84
N VAL A 80 -31.32 -2.53 -16.62
CA VAL A 80 -32.64 -2.79 -17.24
C VAL A 80 -33.76 -2.32 -16.32
N LEU A 81 -34.70 -1.57 -16.90
CA LEU A 81 -35.88 -1.03 -16.26
C LEU A 81 -37.09 -1.70 -16.91
N PRO A 82 -38.13 -2.09 -16.14
CA PRO A 82 -39.27 -2.79 -16.77
C PRO A 82 -40.15 -1.92 -17.67
N ASP A 83 -40.23 -0.61 -17.41
CA ASP A 83 -41.07 0.35 -18.15
C ASP A 83 -40.59 0.77 -19.57
N THR A 84 -39.30 0.55 -19.89
CA THR A 84 -38.67 0.97 -21.16
C THR A 84 -38.26 -0.19 -22.04
N LEU A 85 -37.90 0.10 -23.31
CA LEU A 85 -37.35 -0.90 -24.21
C LEU A 85 -35.81 -0.91 -24.06
N ASN A 86 -35.24 -2.12 -23.76
CA ASN A 86 -33.79 -2.34 -23.56
C ASN A 86 -33.30 -3.45 -24.48
N THR A 87 -32.12 -3.25 -25.09
CA THR A 87 -31.47 -4.24 -25.98
C THR A 87 -30.24 -4.80 -25.26
N VAL A 88 -30.12 -6.13 -25.19
CA VAL A 88 -29.00 -6.81 -24.55
C VAL A 88 -28.14 -7.47 -25.63
N ARG A 89 -26.81 -7.49 -25.46
CA ARG A 89 -25.84 -8.05 -26.40
C ARG A 89 -24.70 -8.67 -25.54
N ILE A 90 -24.46 -9.99 -25.64
CA ILE A 90 -23.46 -10.69 -24.81
C ILE A 90 -22.25 -11.16 -25.60
N ARG A 91 -21.08 -11.14 -24.98
CA ARG A 91 -19.82 -11.63 -25.56
C ARG A 91 -19.17 -12.47 -24.50
N VAL A 92 -18.40 -13.49 -24.89
CA VAL A 92 -17.60 -14.34 -24.02
C VAL A 92 -16.12 -13.94 -24.21
N LYS A 93 -15.42 -13.69 -23.09
CA LYS A 93 -14.00 -13.29 -23.13
C LYS A 93 -13.19 -14.25 -22.29
N THR A 94 -11.93 -14.47 -22.69
CA THR A 94 -11.03 -15.36 -21.98
C THR A 94 -10.15 -14.56 -20.99
N ASN A 95 -9.52 -15.28 -20.02
CA ASN A 95 -8.66 -14.76 -18.96
C ASN A 95 -7.21 -15.00 -19.35
N LYS A 96 -6.45 -13.90 -19.57
CA LYS A 96 -5.05 -13.92 -20.01
C LYS A 96 -4.13 -14.80 -19.14
N LEU A 97 -4.50 -15.04 -17.88
CA LEU A 97 -3.75 -15.83 -16.89
C LEU A 97 -3.76 -17.34 -17.20
N CYS A 98 -4.72 -17.79 -18.03
CA CYS A 98 -4.85 -19.18 -18.44
C CYS A 98 -3.91 -19.58 -19.59
N TYR A 99 -3.22 -18.60 -20.19
CA TYR A 99 -2.41 -18.81 -21.39
C TYR A 99 -0.97 -19.03 -21.11
N GLU A 100 -0.36 -20.04 -21.72
CA GLU A 100 1.08 -20.30 -21.67
C GLU A 100 1.57 -20.30 -23.12
N ASP A 101 2.52 -19.40 -23.44
CA ASP A 101 3.07 -19.23 -24.79
C ASP A 101 1.95 -19.07 -25.82
N ASP A 102 0.91 -18.25 -25.44
CA ASP A 102 -0.28 -17.94 -26.24
C ASP A 102 -1.20 -19.12 -26.50
N LYS A 103 -1.20 -20.13 -25.62
CA LYS A 103 -2.07 -21.30 -25.76
C LYS A 103 -2.92 -21.57 -24.49
N LEU A 104 -4.25 -21.65 -24.66
CA LEU A 104 -5.20 -21.95 -23.58
C LEU A 104 -5.13 -23.43 -23.25
N TRP A 105 -5.37 -23.80 -22.01
CA TRP A 105 -5.43 -25.19 -21.54
C TRP A 105 -4.34 -26.07 -22.18
N SER A 106 -3.16 -25.51 -22.19
CA SER A 106 -1.88 -25.89 -22.74
C SER A 106 -1.35 -27.31 -22.38
N ASN A 107 -1.66 -27.83 -21.17
CA ASN A 107 -1.10 -29.07 -20.61
C ASN A 107 -2.04 -30.27 -20.38
N TRP A 108 -1.41 -31.48 -20.10
CA TRP A 108 -1.97 -32.81 -19.78
C TRP A 108 -2.36 -32.97 -18.27
N SER A 109 -2.25 -34.19 -17.64
CA SER A 109 -2.67 -34.51 -16.23
C SER A 109 -2.39 -36.01 -15.88
N GLN A 110 -2.03 -36.46 -14.65
CA GLN A 110 -1.79 -37.94 -14.53
C GLN A 110 -2.76 -38.91 -13.69
N GLU A 111 -3.37 -39.96 -14.33
CA GLU A 111 -4.37 -40.90 -13.69
C GLU A 111 -4.09 -42.41 -13.82
N MET A 112 -4.59 -43.20 -12.85
CA MET A 112 -4.44 -44.67 -12.87
C MET A 112 -5.77 -45.38 -12.79
N SER A 113 -5.99 -46.29 -13.75
CA SER A 113 -7.18 -47.13 -13.86
C SER A 113 -6.79 -48.57 -13.44
N ILE A 114 -7.09 -48.89 -12.16
CA ILE A 114 -6.84 -50.15 -11.45
C ILE A 114 -7.76 -50.24 -10.22
N ALA B 1 -24.66 -12.57 4.45
CA ALA B 1 -23.29 -12.08 4.66
C ALA B 1 -22.60 -11.42 3.42
N GLU B 2 -21.67 -10.49 3.74
CA GLU B 2 -20.85 -9.70 2.84
C GLU B 2 -19.51 -10.37 2.65
N VAL B 3 -18.95 -10.20 1.45
CA VAL B 3 -17.62 -10.70 1.14
C VAL B 3 -16.64 -10.08 2.13
N GLN B 4 -15.75 -10.91 2.64
CA GLN B 4 -14.64 -10.50 3.49
C GLN B 4 -13.47 -11.46 3.43
N LEU B 5 -12.25 -10.90 3.31
CA LEU B 5 -11.00 -11.67 3.33
C LEU B 5 -10.26 -11.25 4.57
N VAL B 6 -9.90 -12.24 5.40
CA VAL B 6 -9.25 -12.01 6.69
C VAL B 6 -7.90 -12.68 6.70
N GLN B 7 -6.83 -11.87 6.90
CA GLN B 7 -5.46 -12.34 6.89
C GLN B 7 -4.87 -12.57 8.28
N SER B 8 -3.83 -13.43 8.32
CA SER B 8 -3.14 -13.81 9.54
C SER B 8 -2.33 -12.64 10.12
N GLY B 9 -1.96 -12.76 11.39
CA GLY B 9 -1.30 -11.71 12.13
C GLY B 9 0.05 -11.24 11.63
N ALA B 10 0.59 -10.19 12.28
CA ALA B 10 1.87 -9.59 11.97
C ALA B 10 2.96 -10.55 12.32
N GLU B 11 4.01 -10.60 11.48
CA GLU B 11 5.16 -11.50 11.69
C GLU B 11 6.47 -10.74 11.65
N VAL B 12 7.35 -11.10 12.61
CA VAL B 12 8.72 -10.61 12.79
C VAL B 12 9.53 -11.88 12.84
N LYS B 13 10.26 -12.12 11.76
CA LYS B 13 11.05 -13.31 11.49
C LYS B 13 12.52 -12.94 11.22
N LYS B 14 13.44 -13.89 11.44
CA LYS B 14 14.87 -13.71 11.22
C LYS B 14 15.15 -14.11 9.74
N PRO B 15 16.21 -13.59 9.06
CA PRO B 15 16.49 -14.03 7.69
C PRO B 15 16.94 -15.48 7.66
N GLY B 16 16.38 -16.28 6.77
CA GLY B 16 16.72 -17.70 6.65
C GLY B 16 15.62 -18.61 7.12
N GLU B 17 14.65 -18.01 7.85
CA GLU B 17 13.47 -18.69 8.38
C GLU B 17 12.35 -18.78 7.33
N SER B 18 11.50 -19.80 7.47
CA SER B 18 10.32 -20.06 6.64
C SER B 18 9.17 -19.23 7.20
N LEU B 19 8.13 -19.00 6.41
CA LEU B 19 6.97 -18.23 6.79
C LEU B 19 5.84 -18.59 5.86
N LYS B 20 4.62 -18.67 6.42
CA LYS B 20 3.37 -18.95 5.70
C LYS B 20 2.29 -18.03 6.28
N ILE B 21 1.74 -17.13 5.44
CA ILE B 21 0.63 -16.20 5.74
C ILE B 21 -0.62 -16.92 5.21
N SER B 22 -1.77 -16.72 5.87
CA SER B 22 -3.04 -17.26 5.41
C SER B 22 -3.97 -16.12 5.09
N CYS B 23 -5.01 -16.42 4.28
CA CYS B 23 -6.06 -15.56 3.79
C CYS B 23 -7.36 -16.39 3.77
N LYS B 24 -8.32 -16.05 4.65
CA LYS B 24 -9.58 -16.79 4.76
C LYS B 24 -10.73 -15.93 4.30
N GLY B 25 -11.32 -16.37 3.18
CA GLY B 25 -12.44 -15.73 2.53
C GLY B 25 -13.77 -16.28 3.00
N SER B 26 -14.75 -15.40 3.11
CA SER B 26 -16.10 -15.75 3.55
C SER B 26 -17.11 -14.87 2.81
N GLY B 27 -18.36 -15.33 2.75
CA GLY B 27 -19.42 -14.55 2.11
C GLY B 27 -19.51 -14.73 0.61
N TYR B 28 -18.78 -15.69 0.07
CA TYR B 28 -18.84 -16.00 -1.36
C TYR B 28 -18.37 -17.44 -1.64
N SER B 29 -18.57 -17.92 -2.88
CA SER B 29 -18.10 -19.24 -3.26
C SER B 29 -16.56 -19.20 -3.43
N PHE B 30 -15.84 -19.70 -2.42
CA PHE B 30 -14.38 -19.63 -2.41
C PHE B 30 -13.68 -20.09 -3.68
N THR B 31 -14.20 -21.17 -4.27
CA THR B 31 -13.72 -21.85 -5.47
C THR B 31 -14.17 -21.17 -6.76
N SER B 32 -15.16 -20.28 -6.72
CA SER B 32 -15.66 -19.57 -7.91
C SER B 32 -14.75 -18.42 -8.45
N TYR B 33 -13.86 -17.87 -7.58
CA TYR B 33 -12.96 -16.76 -7.85
C TYR B 33 -11.52 -17.14 -7.54
N TRP B 34 -10.57 -16.37 -8.10
CA TRP B 34 -9.15 -16.56 -7.84
C TRP B 34 -8.77 -15.69 -6.66
N ILE B 35 -7.64 -16.05 -6.00
CA ILE B 35 -7.06 -15.27 -4.89
C ILE B 35 -5.69 -14.83 -5.36
N GLY B 36 -5.45 -13.55 -5.24
CA GLY B 36 -4.17 -12.98 -5.61
C GLY B 36 -3.41 -12.53 -4.37
N TRP B 37 -2.10 -12.37 -4.52
CA TRP B 37 -1.23 -11.87 -3.47
C TRP B 37 -0.50 -10.67 -4.01
N VAL B 38 -0.55 -9.55 -3.29
CA VAL B 38 0.05 -8.26 -3.67
C VAL B 38 1.03 -7.90 -2.57
N ARG B 39 2.20 -7.39 -2.94
CA ARG B 39 3.22 -6.98 -1.97
C ARG B 39 3.36 -5.45 -1.99
N GLN B 40 3.49 -4.83 -0.83
CA GLN B 40 3.71 -3.39 -0.74
C GLN B 40 4.84 -3.14 0.32
N MET B 41 6.02 -2.84 -0.20
CA MET B 41 7.24 -2.61 0.55
C MET B 41 7.16 -1.28 1.23
N PRO B 42 7.93 -1.03 2.29
CA PRO B 42 7.79 0.26 2.96
C PRO B 42 7.96 1.46 2.05
N GLY B 43 6.89 2.27 2.01
CA GLY B 43 6.78 3.54 1.30
C GLY B 43 6.74 3.42 -0.21
N LYS B 44 6.45 2.21 -0.72
CA LYS B 44 6.46 1.96 -2.15
C LYS B 44 5.06 1.58 -2.68
N GLY B 45 4.95 1.39 -4.00
CA GLY B 45 3.72 1.02 -4.65
C GLY B 45 3.41 -0.46 -4.53
N LEU B 46 2.37 -0.90 -5.29
CA LEU B 46 1.86 -2.25 -5.31
C LEU B 46 2.54 -3.11 -6.40
N GLU B 47 2.79 -4.41 -6.03
CA GLU B 47 3.46 -5.41 -6.85
C GLU B 47 2.62 -6.67 -6.90
N TRP B 48 2.16 -7.07 -8.12
CA TRP B 48 1.33 -8.26 -8.32
C TRP B 48 2.25 -9.46 -8.15
N MET B 49 2.00 -10.25 -7.11
CA MET B 49 2.85 -11.39 -6.79
C MET B 49 2.57 -12.66 -7.62
N GLY B 50 1.38 -13.19 -7.43
CA GLY B 50 0.85 -14.39 -8.08
C GLY B 50 -0.62 -14.57 -7.70
N VAL B 51 -1.28 -15.57 -8.30
CA VAL B 51 -2.72 -15.87 -8.15
C VAL B 51 -3.00 -17.36 -8.13
N ILE B 52 -4.13 -17.72 -7.54
CA ILE B 52 -4.56 -19.12 -7.50
C ILE B 52 -6.05 -19.23 -7.76
N TYR B 53 -6.45 -20.29 -8.46
CA TYR B 53 -7.87 -20.53 -8.62
C TYR B 53 -8.15 -21.70 -7.66
N PRO B 54 -8.71 -21.39 -6.46
CA PRO B 54 -8.97 -22.43 -5.46
C PRO B 54 -9.69 -23.68 -5.94
N GLY B 55 -10.44 -23.57 -7.03
CA GLY B 55 -11.21 -24.66 -7.58
C GLY B 55 -10.40 -25.88 -7.92
N ASP B 56 -9.25 -25.65 -8.60
CA ASP B 56 -8.35 -26.67 -9.11
C ASP B 56 -6.89 -26.35 -8.82
N SER B 57 -6.65 -25.39 -7.89
CA SER B 57 -5.33 -24.88 -7.45
C SER B 57 -4.38 -24.53 -8.63
N TYR B 58 -4.94 -23.87 -9.66
CA TYR B 58 -4.19 -23.48 -10.84
C TYR B 58 -3.53 -22.21 -10.43
N THR B 59 -2.21 -22.27 -10.28
CA THR B 59 -1.42 -21.15 -9.81
C THR B 59 -0.56 -20.57 -10.90
N ARG B 60 -0.49 -19.22 -10.92
CA ARG B 60 0.37 -18.45 -11.80
C ARG B 60 1.16 -17.44 -10.97
N TYR B 61 2.41 -17.15 -11.36
CA TYR B 61 3.28 -16.21 -10.66
C TYR B 61 3.86 -15.17 -11.61
N SER B 62 4.08 -13.94 -11.11
CA SER B 62 4.77 -12.88 -11.85
C SER B 62 6.24 -13.34 -11.98
N PRO B 63 6.93 -13.03 -13.11
CA PRO B 63 8.35 -13.48 -13.27
C PRO B 63 9.29 -13.07 -12.15
N SER B 64 9.02 -11.93 -11.50
CA SER B 64 9.82 -11.38 -10.40
C SER B 64 9.64 -12.22 -9.15
N PHE B 65 8.51 -12.94 -9.06
CA PHE B 65 8.15 -13.72 -7.88
C PHE B 65 8.22 -15.22 -8.02
N GLN B 66 8.45 -15.70 -9.24
CA GLN B 66 8.52 -17.13 -9.47
C GLN B 66 9.75 -17.74 -8.80
N GLY B 67 9.54 -18.87 -8.12
CA GLY B 67 10.61 -19.60 -7.44
C GLY B 67 11.10 -18.94 -6.17
N GLN B 68 10.53 -17.80 -5.85
CA GLN B 68 10.84 -17.07 -4.64
C GLN B 68 9.77 -17.39 -3.57
N VAL B 69 8.55 -17.68 -3.99
CA VAL B 69 7.46 -17.88 -3.04
C VAL B 69 6.43 -18.95 -3.52
N THR B 70 5.59 -19.49 -2.61
CA THR B 70 4.63 -20.52 -3.02
C THR B 70 3.19 -20.18 -2.69
N ILE B 71 2.31 -20.19 -3.70
CA ILE B 71 0.88 -19.91 -3.47
C ILE B 71 0.12 -21.22 -3.44
N SER B 72 -0.68 -21.45 -2.41
CA SER B 72 -1.41 -22.70 -2.23
C SER B 72 -2.79 -22.39 -1.65
N ALA B 73 -3.68 -23.40 -1.61
CA ALA B 73 -5.03 -23.22 -1.13
C ALA B 73 -5.62 -24.46 -0.49
N ASP B 74 -6.52 -24.23 0.51
CA ASP B 74 -7.27 -25.27 1.17
C ASP B 74 -8.76 -25.01 1.00
N LYS B 75 -9.36 -25.51 -0.13
CA LYS B 75 -10.79 -25.45 -0.47
C LYS B 75 -11.62 -25.58 0.86
N SER B 76 -11.47 -26.73 1.54
CA SER B 76 -12.20 -27.12 2.74
C SER B 76 -12.30 -26.08 3.90
N ILE B 77 -11.32 -25.17 4.02
CA ILE B 77 -11.36 -24.16 5.08
C ILE B 77 -11.33 -22.76 4.50
N SER B 78 -11.76 -22.64 3.25
CA SER B 78 -11.82 -21.40 2.50
C SER B 78 -10.56 -20.55 2.70
N THR B 79 -9.38 -21.21 2.65
CA THR B 79 -8.11 -20.55 2.87
C THR B 79 -7.07 -20.61 1.73
N ALA B 80 -6.37 -19.47 1.55
CA ALA B 80 -5.30 -19.27 0.57
C ALA B 80 -4.03 -18.92 1.33
N TYR B 81 -2.89 -19.42 0.86
CA TYR B 81 -1.60 -19.23 1.52
C TYR B 81 -0.54 -18.71 0.59
N LEU B 82 0.44 -17.99 1.16
CA LEU B 82 1.64 -17.46 0.53
C LEU B 82 2.79 -17.91 1.40
N GLN B 83 3.84 -18.49 0.82
CA GLN B 83 4.92 -18.94 1.68
C GLN B 83 6.28 -18.86 1.11
N TRP B 84 7.27 -18.59 1.99
CA TRP B 84 8.69 -18.54 1.68
C TRP B 84 9.34 -19.68 2.39
N SER B 85 10.39 -20.27 1.78
CA SER B 85 11.13 -21.33 2.45
C SER B 85 12.25 -20.67 3.30
N SER B 86 12.91 -19.64 2.75
CA SER B 86 14.00 -18.92 3.42
C SER B 86 13.84 -17.43 3.16
N LEU B 87 13.42 -16.71 4.17
CA LEU B 87 13.21 -15.27 4.08
C LEU B 87 14.53 -14.49 4.01
N LYS B 88 14.48 -13.35 3.34
CA LYS B 88 15.59 -12.42 3.25
C LYS B 88 15.05 -11.14 3.88
N ALA B 89 15.96 -10.19 4.26
CA ALA B 89 15.60 -8.88 4.84
C ALA B 89 14.72 -8.14 3.81
N SER B 90 15.09 -8.27 2.52
CA SER B 90 14.38 -7.65 1.41
C SER B 90 12.92 -8.08 1.28
N ASP B 91 12.43 -9.05 2.10
CA ASP B 91 11.01 -9.42 2.03
C ASP B 91 10.14 -8.54 2.95
N THR B 92 10.77 -7.60 3.69
CA THR B 92 9.99 -6.76 4.61
C THR B 92 8.94 -5.94 3.85
N ALA B 93 7.65 -6.25 4.08
CA ALA B 93 6.55 -5.62 3.39
C ALA B 93 5.21 -5.91 4.02
N MET B 94 4.21 -5.18 3.54
CA MET B 94 2.84 -5.46 3.87
C MET B 94 2.38 -6.39 2.77
N TYR B 95 1.63 -7.44 3.10
CA TYR B 95 1.12 -8.35 2.08
C TYR B 95 -0.41 -8.41 2.13
N TYR B 96 -1.03 -8.11 0.98
CA TYR B 96 -2.47 -8.16 0.83
C TYR B 96 -2.85 -9.34 -0.04
N CYS B 97 -3.97 -9.99 0.33
CA CYS B 97 -4.58 -11.00 -0.51
C CYS B 97 -5.83 -10.31 -1.02
N ALA B 98 -6.29 -10.73 -2.22
CA ALA B 98 -7.48 -10.16 -2.81
C ALA B 98 -8.23 -11.15 -3.67
N ARG B 99 -9.54 -10.93 -3.78
CA ARG B 99 -10.43 -11.74 -4.59
C ARG B 99 -10.44 -11.18 -6.01
N MET B 100 -10.30 -12.09 -6.99
CA MET B 100 -10.33 -11.65 -8.36
C MET B 100 -11.15 -12.43 -9.33
N PRO B 101 -12.14 -11.77 -9.96
CA PRO B 101 -12.88 -12.40 -11.05
C PRO B 101 -11.95 -12.58 -12.26
N ASN B 102 -12.40 -13.35 -13.30
CA ASN B 102 -11.61 -13.69 -14.48
C ASN B 102 -11.02 -12.54 -15.29
N TRP B 103 -11.57 -11.31 -15.14
CA TRP B 103 -11.05 -10.11 -15.77
C TRP B 103 -9.78 -9.54 -15.11
N GLY B 104 -9.39 -10.14 -13.98
CA GLY B 104 -8.15 -9.83 -13.31
C GLY B 104 -8.10 -8.74 -12.27
N SER B 105 -9.19 -7.96 -12.11
CA SER B 105 -9.30 -6.86 -11.12
C SER B 105 -9.40 -7.49 -9.75
N PHE B 106 -8.99 -6.83 -8.66
CA PHE B 106 -9.14 -7.36 -7.30
C PHE B 106 -10.27 -6.58 -6.59
N ASP B 107 -11.48 -7.17 -6.46
CA ASP B 107 -12.68 -6.50 -5.92
C ASP B 107 -12.82 -6.48 -4.42
N TYR B 108 -12.19 -7.41 -3.72
CA TYR B 108 -12.20 -7.40 -2.24
C TYR B 108 -10.82 -7.72 -1.77
N TRP B 109 -10.35 -6.98 -0.75
CA TRP B 109 -9.01 -7.14 -0.21
C TRP B 109 -9.09 -7.58 1.23
N GLY B 110 -8.01 -8.21 1.65
CA GLY B 110 -7.73 -8.60 3.02
C GLY B 110 -7.18 -7.35 3.72
N GLN B 111 -7.05 -7.38 5.04
CA GLN B 111 -6.61 -6.19 5.78
C GLN B 111 -5.14 -5.92 5.67
N GLY B 112 -4.38 -6.91 5.19
CA GLY B 112 -2.94 -6.85 5.08
C GLY B 112 -2.29 -7.56 6.23
N THR B 113 -1.07 -8.09 6.01
CA THR B 113 -0.25 -8.74 7.00
C THR B 113 1.09 -8.07 6.89
N LEU B 114 1.56 -7.55 8.01
CA LEU B 114 2.84 -6.88 8.06
C LEU B 114 3.93 -7.89 8.30
N VAL B 115 4.91 -7.97 7.38
CA VAL B 115 6.03 -8.89 7.52
C VAL B 115 7.31 -8.10 7.68
N THR B 116 8.03 -8.35 8.79
CA THR B 116 9.27 -7.69 9.13
C THR B 116 10.35 -8.74 9.25
N VAL B 117 11.35 -8.66 8.37
CA VAL B 117 12.48 -9.58 8.39
C VAL B 117 13.74 -8.81 8.70
N SER B 118 14.44 -9.19 9.78
CA SER B 118 15.71 -8.59 10.25
C SER B 118 16.53 -9.61 11.01
N SER B 119 17.86 -9.38 11.04
CA SER B 119 18.81 -10.15 11.84
C SER B 119 18.81 -9.58 13.26
N ALA B 120 18.32 -8.33 13.43
CA ALA B 120 18.19 -7.59 14.69
C ALA B 120 17.35 -8.26 15.75
N SER B 121 17.75 -8.11 17.02
CA SER B 121 17.00 -8.62 18.17
C SER B 121 16.24 -7.45 18.79
N THR B 122 15.09 -7.73 19.47
CA THR B 122 14.25 -6.72 20.15
C THR B 122 15.15 -5.88 21.02
N LYS B 123 15.08 -4.55 20.84
CA LYS B 123 15.91 -3.61 21.58
C LYS B 123 15.12 -2.30 21.73
N GLY B 124 14.87 -1.92 22.98
CA GLY B 124 14.17 -0.70 23.36
C GLY B 124 14.96 0.55 23.00
N PRO B 125 14.30 1.73 22.96
CA PRO B 125 15.00 2.91 22.46
C PRO B 125 15.81 3.68 23.47
N SER B 126 16.78 4.43 22.94
CA SER B 126 17.59 5.38 23.67
C SER B 126 16.88 6.68 23.32
N VAL B 127 16.47 7.44 24.34
CA VAL B 127 15.72 8.66 24.12
C VAL B 127 16.57 9.83 24.52
N PHE B 128 16.98 10.63 23.51
CA PHE B 128 17.79 11.81 23.77
C PHE B 128 16.98 13.08 23.49
N PRO B 129 17.26 14.19 24.20
CA PRO B 129 16.46 15.40 23.97
C PRO B 129 16.91 16.19 22.75
N LEU B 130 16.03 17.06 22.29
CA LEU B 130 16.23 18.02 21.22
C LEU B 130 15.80 19.31 21.93
N ALA B 131 16.77 19.94 22.60
CA ALA B 131 16.52 21.12 23.42
C ALA B 131 16.55 22.44 22.69
N PRO B 132 15.70 23.41 23.13
CA PRO B 132 15.75 24.77 22.54
C PRO B 132 16.84 25.64 23.22
N SER B 133 17.30 26.79 22.64
CA SER B 133 16.94 27.44 21.37
C SER B 133 18.22 27.71 20.54
N SER B 134 18.27 28.91 19.89
CA SER B 134 19.38 29.44 19.08
C SER B 134 19.57 30.94 19.35
N GLY B 139 12.15 35.39 17.40
CA GLY B 139 11.08 35.33 18.38
C GLY B 139 9.87 34.49 17.99
N GLY B 140 8.72 34.82 18.60
CA GLY B 140 7.45 34.13 18.41
C GLY B 140 7.39 32.85 19.22
N THR B 141 7.63 31.70 18.54
CA THR B 141 7.66 30.38 19.18
C THR B 141 9.06 29.75 19.14
N ALA B 142 9.21 28.60 19.84
CA ALA B 142 10.45 27.82 19.93
C ALA B 142 10.13 26.35 19.83
N ALA B 143 11.03 25.61 19.16
CA ALA B 143 10.85 24.17 18.94
C ALA B 143 11.75 23.34 19.81
N LEU B 144 11.23 22.18 20.19
CA LEU B 144 11.91 21.18 21.02
C LEU B 144 11.36 19.79 20.70
N GLY B 145 12.05 18.75 21.16
CA GLY B 145 11.63 17.38 20.91
C GLY B 145 12.49 16.35 21.57
N CYS B 146 12.34 15.10 21.15
CA CYS B 146 13.10 13.95 21.64
C CYS B 146 13.53 13.16 20.43
N LEU B 147 14.74 12.61 20.48
CA LEU B 147 15.26 11.73 19.43
C LEU B 147 15.16 10.31 19.99
N VAL B 148 14.20 9.50 19.49
CA VAL B 148 13.95 8.12 19.92
C VAL B 148 14.83 7.21 19.05
N LYS B 149 16.01 6.84 19.57
CA LYS B 149 17.05 6.12 18.81
C LYS B 149 17.35 4.65 19.13
N ASP B 150 17.78 3.94 18.08
CA ASP B 150 18.25 2.55 18.04
C ASP B 150 17.29 1.53 18.66
N TYR B 151 16.13 1.37 18.04
CA TYR B 151 15.14 0.43 18.54
C TYR B 151 14.71 -0.60 17.50
N PHE B 152 14.14 -1.72 17.98
CA PHE B 152 13.66 -2.80 17.16
C PHE B 152 12.66 -3.71 17.94
N PRO B 153 11.54 -4.17 17.32
CA PRO B 153 11.04 -3.78 15.98
C PRO B 153 10.19 -2.52 16.14
N GLU B 154 9.48 -2.14 15.10
CA GLU B 154 8.54 -1.03 15.28
C GLU B 154 7.29 -1.61 16.07
N PRO B 155 6.41 -0.76 16.65
CA PRO B 155 6.45 0.71 16.70
C PRO B 155 6.91 1.24 18.07
N VAL B 156 6.97 2.58 18.19
CA VAL B 156 7.17 3.26 19.45
C VAL B 156 6.04 4.26 19.47
N THR B 157 5.69 4.70 20.66
CA THR B 157 4.61 5.63 20.87
C THR B 157 5.21 6.70 21.71
N VAL B 158 5.13 7.93 21.20
CA VAL B 158 5.60 9.12 21.88
C VAL B 158 4.38 9.94 22.31
N SER B 159 4.43 10.47 23.55
CA SER B 159 3.40 11.34 24.14
C SER B 159 4.10 12.56 24.68
N TRP B 160 3.38 13.65 24.93
CA TRP B 160 4.00 14.84 25.54
C TRP B 160 3.23 15.27 26.76
N ASN B 161 3.94 15.40 27.91
CA ASN B 161 3.34 15.79 29.19
C ASN B 161 2.18 14.85 29.59
N SER B 162 2.40 13.56 29.26
CA SER B 162 1.51 12.43 29.52
C SER B 162 0.12 12.55 28.88
N GLY B 163 0.06 13.28 27.77
CA GLY B 163 -1.15 13.48 26.98
C GLY B 163 -1.72 14.88 27.05
N ALA B 164 -1.25 15.65 28.03
CA ALA B 164 -1.68 17.03 28.28
C ALA B 164 -1.32 17.98 27.13
N LEU B 165 -0.31 17.59 26.33
CA LEU B 165 0.20 18.36 25.20
C LEU B 165 -0.05 17.58 23.90
N THR B 166 -0.82 18.16 22.97
CA THR B 166 -1.11 17.57 21.64
C THR B 166 -0.82 18.57 20.53
N SER B 167 -1.25 19.84 20.74
CA SER B 167 -1.09 20.92 19.78
C SER B 167 0.37 21.24 19.48
N GLY B 168 0.73 21.13 18.19
CA GLY B 168 2.06 21.44 17.71
C GLY B 168 2.97 20.26 17.57
N VAL B 169 2.56 19.07 18.11
CA VAL B 169 3.33 17.82 18.08
C VAL B 169 3.42 17.24 16.67
N HIS B 170 4.61 16.71 16.33
CA HIS B 170 4.90 16.06 15.06
C HIS B 170 5.80 14.89 15.32
N THR B 171 5.25 13.67 15.25
CA THR B 171 6.04 12.46 15.44
C THR B 171 6.38 11.97 14.05
N PHE B 172 7.65 12.04 13.68
CA PHE B 172 8.05 11.66 12.33
C PHE B 172 7.95 10.15 12.11
N PRO B 173 7.74 9.73 10.85
CA PRO B 173 7.67 8.30 10.57
C PRO B 173 9.03 7.71 10.85
N ALA B 174 9.10 6.52 11.44
CA ALA B 174 10.37 5.88 11.74
C ALA B 174 11.21 5.65 10.48
N VAL B 175 12.52 5.65 10.65
CA VAL B 175 13.48 5.43 9.56
C VAL B 175 14.37 4.26 9.93
N LEU B 176 14.58 3.34 8.98
CA LEU B 176 15.38 2.13 9.18
C LEU B 176 16.84 2.42 8.87
N GLN B 177 17.65 2.48 9.92
CA GLN B 177 19.06 2.79 9.81
C GLN B 177 19.87 1.61 9.24
N SER B 178 21.15 1.86 8.90
CA SER B 178 22.08 0.88 8.34
C SER B 178 22.32 -0.23 9.33
N SER B 179 22.24 0.10 10.63
CA SER B 179 22.43 -0.85 11.73
C SER B 179 21.29 -1.87 11.86
N GLY B 180 20.22 -1.66 11.12
CA GLY B 180 19.05 -2.50 11.17
C GLY B 180 18.11 -2.12 12.27
N LEU B 181 18.39 -1.00 12.92
CA LEU B 181 17.59 -0.47 14.01
C LEU B 181 16.88 0.74 13.55
N TYR B 182 15.69 1.00 14.11
CA TYR B 182 14.91 2.18 13.75
C TYR B 182 15.27 3.39 14.60
N SER B 183 15.06 4.59 14.02
CA SER B 183 15.27 5.87 14.69
C SER B 183 14.17 6.81 14.21
N LEU B 184 13.68 7.63 15.13
CA LEU B 184 12.55 8.53 14.88
C LEU B 184 12.65 9.72 15.86
N SER B 185 12.11 10.86 15.47
CA SER B 185 12.07 12.01 16.38
C SER B 185 10.66 12.56 16.46
N SER B 186 10.29 13.02 17.63
CA SER B 186 9.02 13.68 17.87
C SER B 186 9.43 15.08 18.29
N VAL B 187 8.78 16.11 17.72
CA VAL B 187 9.06 17.51 18.02
C VAL B 187 7.78 18.25 18.38
N VAL B 188 7.91 19.43 18.96
CA VAL B 188 6.77 20.25 19.30
C VAL B 188 7.11 21.76 19.30
N THR B 189 6.11 22.57 18.94
CA THR B 189 6.20 24.01 18.89
C THR B 189 5.42 24.56 20.08
N VAL B 190 6.11 25.39 20.88
CA VAL B 190 5.58 26.04 22.08
C VAL B 190 5.99 27.52 22.13
N PRO B 191 5.21 28.41 22.80
CA PRO B 191 5.64 29.82 22.91
C PRO B 191 6.93 29.97 23.74
N SER B 192 7.91 30.77 23.26
CA SER B 192 9.20 30.98 23.93
C SER B 192 9.08 31.40 25.40
N SER B 193 8.00 32.13 25.73
CA SER B 193 7.68 32.62 27.07
C SER B 193 7.44 31.48 28.08
N SER B 194 6.77 30.39 27.64
CA SER B 194 6.44 29.20 28.45
C SER B 194 7.65 28.39 28.95
N LEU B 195 8.85 28.62 28.36
CA LEU B 195 10.08 27.92 28.72
C LEU B 195 10.59 28.45 30.07
N GLY B 196 10.69 27.56 31.05
CA GLY B 196 11.13 27.92 32.39
C GLY B 196 10.00 28.27 33.34
N THR B 197 8.75 28.12 32.87
CA THR B 197 7.50 28.35 33.63
C THR B 197 6.58 27.13 33.39
N GLN B 198 7.00 26.22 32.48
CA GLN B 198 6.31 24.98 32.13
C GLN B 198 7.33 23.92 31.66
N THR B 199 7.25 22.73 32.25
CA THR B 199 8.13 21.59 31.98
C THR B 199 7.62 20.69 30.86
N TYR B 200 8.52 20.35 29.91
CA TYR B 200 8.24 19.47 28.78
C TYR B 200 8.91 18.13 28.90
N ILE B 201 8.08 17.05 28.92
CA ILE B 201 8.49 15.65 29.06
C ILE B 201 7.87 14.73 27.97
N CYS B 202 8.74 14.03 27.22
CA CYS B 202 8.26 13.08 26.25
C CYS B 202 8.23 11.65 26.80
N ASN B 203 7.11 10.97 26.59
CA ASN B 203 6.87 9.64 27.09
C ASN B 203 6.95 8.67 25.94
N VAL B 204 8.04 7.91 25.91
CA VAL B 204 8.32 6.93 24.87
C VAL B 204 8.00 5.56 25.41
N ASN B 205 7.18 4.81 24.67
CA ASN B 205 6.79 3.47 25.05
C ASN B 205 7.09 2.55 23.87
N HIS B 206 7.83 1.48 24.14
CA HIS B 206 8.17 0.48 23.15
C HIS B 206 7.68 -0.83 23.71
N LYS B 207 6.44 -1.18 23.37
CA LYS B 207 5.74 -2.34 23.87
C LYS B 207 6.49 -3.69 23.68
N PRO B 208 7.28 -3.92 22.59
CA PRO B 208 7.94 -5.23 22.45
C PRO B 208 9.05 -5.53 23.44
N SER B 209 9.81 -4.52 23.88
CA SER B 209 10.90 -4.68 24.86
C SER B 209 10.38 -4.36 26.26
N ASN B 210 9.09 -4.00 26.35
CA ASN B 210 8.45 -3.62 27.59
C ASN B 210 9.13 -2.40 28.22
N THR B 211 9.61 -1.48 27.38
CA THR B 211 10.30 -0.31 27.91
C THR B 211 9.50 1.01 27.87
N LYS B 212 9.39 1.67 29.00
CA LYS B 212 8.79 3.01 29.07
C LYS B 212 9.89 3.98 29.54
N VAL B 213 10.05 5.10 28.84
CA VAL B 213 11.07 6.13 29.12
C VAL B 213 10.35 7.50 29.12
N ASP B 214 10.78 8.41 29.98
CA ASP B 214 10.25 9.78 30.12
C ASP B 214 11.45 10.75 30.19
N LYS B 215 11.69 11.61 29.16
CA LYS B 215 12.81 12.56 29.16
C LYS B 215 12.43 14.00 29.41
N LYS B 216 13.20 14.68 30.25
CA LYS B 216 12.98 16.08 30.58
C LYS B 216 13.75 16.89 29.56
N VAL B 217 13.02 17.60 28.68
CA VAL B 217 13.65 18.44 27.68
C VAL B 217 13.80 19.87 28.25
N GLU B 218 14.96 20.15 28.84
CA GLU B 218 15.29 21.44 29.48
C GLU B 218 15.98 22.39 28.48
N PRO B 219 15.85 23.74 28.63
CA PRO B 219 16.49 24.64 27.65
C PRO B 219 17.97 24.94 27.90
N LYS B 220 18.67 25.27 26.81
CA LYS B 220 20.09 25.59 26.82
C LYS B 220 20.94 24.60 26.06
N GLU C 1 6.86 -7.37 -20.78
CA GLU C 1 5.40 -7.32 -20.58
C GLU C 1 4.82 -5.89 -20.76
N VAL C 2 3.47 -5.76 -20.61
CA VAL C 2 2.75 -4.48 -20.67
C VAL C 2 3.25 -3.62 -19.50
N VAL C 3 3.43 -2.31 -19.76
CA VAL C 3 3.90 -1.34 -18.75
C VAL C 3 2.94 -0.13 -18.75
N LEU C 4 2.40 0.20 -17.57
CA LEU C 4 1.49 1.31 -17.38
C LEU C 4 2.22 2.47 -16.69
N THR C 5 2.11 3.67 -17.30
CA THR C 5 2.74 4.89 -16.79
C THR C 5 1.68 5.88 -16.39
N GLN C 6 1.60 6.21 -15.09
CA GLN C 6 0.59 7.18 -14.64
C GLN C 6 1.13 8.64 -14.66
N SER C 7 0.26 9.55 -15.07
CA SER C 7 0.58 10.97 -15.20
C SER C 7 -0.53 11.79 -14.53
N PRO C 8 -0.21 12.72 -13.59
CA PRO C 8 1.13 13.03 -13.08
C PRO C 8 1.41 12.15 -11.87
N GLY C 9 2.55 12.34 -11.20
CA GLY C 9 2.89 11.58 -10.01
C GLY C 9 2.19 12.13 -8.78
N THR C 10 1.94 13.46 -8.82
CA THR C 10 1.27 14.24 -7.78
C THR C 10 0.32 15.21 -8.45
N LEU C 11 -0.94 15.23 -7.98
CA LEU C 11 -1.97 16.14 -8.46
C LEU C 11 -2.39 17.01 -7.27
N SER C 12 -2.14 18.32 -7.38
CA SER C 12 -2.44 19.27 -6.30
C SER C 12 -3.66 20.09 -6.69
N LEU C 13 -4.78 19.85 -5.97
CA LEU C 13 -6.05 20.51 -6.24
C LEU C 13 -6.78 20.88 -4.97
N SER C 14 -7.71 21.83 -5.04
CA SER C 14 -8.51 22.24 -3.89
C SER C 14 -9.73 21.30 -3.75
N PRO C 15 -10.41 21.19 -2.58
CA PRO C 15 -11.61 20.35 -2.51
C PRO C 15 -12.74 21.01 -3.30
N GLY C 16 -13.40 20.21 -4.13
CA GLY C 16 -14.45 20.69 -5.01
C GLY C 16 -13.99 20.76 -6.45
N GLU C 17 -12.65 20.74 -6.67
CA GLU C 17 -12.07 20.77 -8.02
C GLU C 17 -12.20 19.43 -8.78
N ARG C 18 -11.87 19.44 -10.11
CA ARG C 18 -11.92 18.29 -11.02
C ARG C 18 -10.57 17.59 -11.15
N ALA C 19 -10.53 16.30 -10.80
CA ALA C 19 -9.30 15.52 -10.87
C ALA C 19 -9.25 14.54 -12.05
N THR C 20 -8.23 14.71 -12.93
CA THR C 20 -8.03 13.83 -14.11
C THR C 20 -6.66 13.12 -14.12
N LEU C 21 -6.69 11.86 -13.69
CA LEU C 21 -5.50 11.01 -13.62
C LEU C 21 -5.46 10.24 -14.92
N SER C 22 -4.26 10.08 -15.49
CA SER C 22 -4.10 9.36 -16.75
C SER C 22 -3.21 8.12 -16.66
N CYS C 23 -3.62 7.05 -17.37
CA CYS C 23 -2.93 5.78 -17.39
C CYS C 23 -2.59 5.37 -18.81
N ARG C 24 -1.32 5.53 -19.24
CA ARG C 24 -0.87 5.16 -20.58
C ARG C 24 -0.30 3.74 -20.61
N ALA C 25 -0.89 2.87 -21.46
CA ALA C 25 -0.46 1.48 -21.61
C ALA C 25 0.55 1.36 -22.73
N SER C 26 1.68 0.63 -22.50
CA SER C 26 2.76 0.43 -23.48
C SER C 26 2.26 -0.14 -24.85
N GLN C 27 1.30 -1.08 -24.79
CA GLN C 27 0.62 -1.74 -25.91
C GLN C 27 -0.88 -1.56 -25.75
N SER C 28 -1.63 -1.70 -26.84
CA SER C 28 -3.09 -1.61 -26.82
C SER C 28 -3.71 -2.80 -26.05
N ILE C 29 -4.42 -2.50 -24.95
CA ILE C 29 -5.07 -3.51 -24.13
C ILE C 29 -6.60 -3.40 -24.23
N SER C 30 -7.28 -4.53 -23.99
CA SER C 30 -8.74 -4.57 -24.03
C SER C 30 -9.27 -3.80 -22.83
N SER C 31 -10.26 -2.91 -23.03
CA SER C 31 -10.82 -2.09 -21.95
C SER C 31 -11.39 -2.89 -20.75
N SER C 32 -11.72 -4.18 -20.93
CA SER C 32 -12.23 -5.02 -19.84
C SER C 32 -11.17 -5.33 -18.81
N TYR C 33 -9.88 -5.28 -19.20
CA TYR C 33 -8.81 -5.64 -18.28
C TYR C 33 -8.23 -4.50 -17.40
N LEU C 34 -8.64 -3.24 -17.64
CA LEU C 34 -8.11 -2.12 -16.87
C LEU C 34 -8.97 -1.75 -15.66
N ALA C 35 -8.32 -1.56 -14.50
CA ALA C 35 -8.98 -1.18 -13.24
C ALA C 35 -8.27 -0.05 -12.49
N TRP C 36 -9.01 0.72 -11.69
CA TRP C 36 -8.43 1.77 -10.85
C TRP C 36 -8.72 1.46 -9.40
N TYR C 37 -7.75 1.78 -8.57
CA TYR C 37 -7.72 1.57 -7.13
C TYR C 37 -7.38 2.87 -6.45
N GLN C 38 -7.89 3.01 -5.20
CA GLN C 38 -7.64 4.12 -4.29
C GLN C 38 -6.97 3.53 -3.09
N GLN C 39 -5.96 4.22 -2.54
CA GLN C 39 -5.32 3.78 -1.31
C GLN C 39 -5.03 4.93 -0.40
N LYS C 40 -5.75 4.95 0.71
CA LYS C 40 -5.58 5.99 1.70
C LYS C 40 -4.38 5.64 2.59
N PRO C 41 -3.68 6.62 3.23
CA PRO C 41 -2.54 6.25 4.10
C PRO C 41 -2.94 5.26 5.19
N GLY C 42 -2.18 4.18 5.28
CA GLY C 42 -2.38 3.13 6.27
C GLY C 42 -3.64 2.31 6.14
N GLN C 43 -4.14 2.16 4.91
CA GLN C 43 -5.34 1.39 4.65
C GLN C 43 -5.11 0.51 3.43
N ALA C 44 -5.87 -0.59 3.31
CA ALA C 44 -5.69 -1.46 2.17
C ALA C 44 -6.28 -0.79 0.94
N PRO C 45 -5.76 -1.03 -0.29
CA PRO C 45 -6.37 -0.39 -1.47
C PRO C 45 -7.80 -0.86 -1.70
N ARG C 46 -8.63 0.01 -2.28
CA ARG C 46 -10.00 -0.31 -2.61
C ARG C 46 -10.20 -0.18 -4.09
N LEU C 47 -10.97 -1.09 -4.69
CA LEU C 47 -11.20 -1.02 -6.12
C LEU C 47 -12.31 0.01 -6.42
N LEU C 48 -12.07 0.86 -7.41
CA LEU C 48 -13.03 1.89 -7.75
C LEU C 48 -13.79 1.58 -9.02
N ILE C 49 -13.02 1.27 -10.09
CA ILE C 49 -13.50 1.01 -11.43
C ILE C 49 -12.81 -0.21 -12.02
N TYR C 50 -13.55 -1.07 -12.69
CA TYR C 50 -13.05 -2.24 -13.40
C TYR C 50 -13.60 -2.21 -14.81
N GLY C 51 -12.96 -2.93 -15.72
CA GLY C 51 -13.39 -2.90 -17.12
C GLY C 51 -13.38 -1.49 -17.69
N ALA C 52 -12.39 -0.68 -17.27
CA ALA C 52 -12.09 0.70 -17.66
C ALA C 52 -13.10 1.78 -17.30
N SER C 53 -14.40 1.43 -17.24
CA SER C 53 -15.49 2.37 -16.97
C SER C 53 -16.59 1.87 -16.01
N SER C 54 -16.43 0.68 -15.39
CA SER C 54 -17.50 0.19 -14.53
C SER C 54 -17.22 0.44 -13.09
N ARG C 55 -18.12 1.15 -12.37
CA ARG C 55 -17.94 1.40 -10.92
C ARG C 55 -18.18 0.12 -10.12
N ALA C 56 -17.34 -0.09 -9.10
CA ALA C 56 -17.48 -1.24 -8.20
C ALA C 56 -18.61 -0.91 -7.21
N THR C 57 -19.16 -1.94 -6.54
CA THR C 57 -20.25 -1.75 -5.57
C THR C 57 -19.90 -0.64 -4.58
N GLY C 58 -20.86 0.27 -4.35
CA GLY C 58 -20.73 1.37 -3.39
C GLY C 58 -19.85 2.55 -3.76
N ILE C 59 -19.08 2.46 -4.85
CA ILE C 59 -18.23 3.56 -5.30
C ILE C 59 -19.13 4.70 -5.80
N PRO C 60 -19.01 5.90 -5.19
CA PRO C 60 -19.90 7.02 -5.57
C PRO C 60 -19.73 7.54 -7.00
N ASP C 61 -20.81 8.14 -7.55
CA ASP C 61 -20.94 8.72 -8.89
C ASP C 61 -19.80 9.68 -9.32
N ARG C 62 -19.13 10.34 -8.34
CA ARG C 62 -18.02 11.29 -8.61
C ARG C 62 -16.82 10.68 -9.34
N PHE C 63 -16.63 9.34 -9.19
CA PHE C 63 -15.57 8.56 -9.82
C PHE C 63 -16.07 7.99 -11.16
N SER C 64 -15.36 8.29 -12.24
CA SER C 64 -15.72 7.78 -13.56
C SER C 64 -14.48 7.45 -14.36
N GLY C 65 -14.51 6.28 -14.94
CA GLY C 65 -13.43 5.79 -15.76
C GLY C 65 -13.81 5.88 -17.20
N SER C 66 -12.85 6.23 -18.04
CA SER C 66 -13.02 6.34 -19.47
C SER C 66 -11.68 5.96 -20.07
N GLY C 67 -11.67 5.77 -21.39
CA GLY C 67 -10.45 5.41 -22.10
C GLY C 67 -10.57 4.15 -22.92
N SER C 68 -9.63 3.96 -23.85
CA SER C 68 -9.59 2.81 -24.75
C SER C 68 -8.20 2.58 -25.32
N GLY C 69 -7.85 1.31 -25.51
CA GLY C 69 -6.59 0.88 -26.13
C GLY C 69 -5.33 1.18 -25.37
N THR C 70 -4.87 2.44 -25.41
CA THR C 70 -3.66 2.86 -24.70
C THR C 70 -3.86 3.97 -23.68
N ASP C 71 -4.82 4.88 -23.92
CA ASP C 71 -5.02 6.03 -23.04
C ASP C 71 -6.27 5.98 -22.17
N PHE C 72 -6.09 5.62 -20.87
CA PHE C 72 -7.15 5.53 -19.87
C PHE C 72 -7.13 6.68 -18.87
N THR C 73 -8.34 7.11 -18.44
CA THR C 73 -8.53 8.27 -17.56
C THR C 73 -9.46 8.01 -16.38
N LEU C 74 -9.02 8.41 -15.21
CA LEU C 74 -9.84 8.38 -14.00
C LEU C 74 -10.22 9.81 -13.70
N THR C 75 -11.53 10.06 -13.51
CA THR C 75 -12.04 11.40 -13.23
C THR C 75 -12.86 11.46 -11.98
N ILE C 76 -12.44 12.33 -11.04
CA ILE C 76 -13.16 12.65 -9.81
C ILE C 76 -13.73 14.06 -10.09
N SER C 77 -15.05 14.14 -10.33
CA SER C 77 -15.78 15.36 -10.69
C SER C 77 -15.66 16.51 -9.67
N ARG C 78 -16.01 16.22 -8.40
CA ARG C 78 -15.96 17.13 -7.26
C ARG C 78 -15.13 16.40 -6.24
N LEU C 79 -14.07 17.04 -5.72
CA LEU C 79 -13.18 16.38 -4.77
C LEU C 79 -13.65 16.50 -3.34
N GLU C 80 -14.02 15.37 -2.76
CA GLU C 80 -14.42 15.32 -1.36
C GLU C 80 -13.16 15.07 -0.52
N PRO C 81 -13.00 15.67 0.68
CA PRO C 81 -11.76 15.43 1.48
C PRO C 81 -11.26 13.97 1.60
N GLU C 82 -12.16 12.99 1.52
CA GLU C 82 -11.84 11.56 1.59
C GLU C 82 -11.06 11.15 0.35
N ASP C 83 -11.29 11.85 -0.78
CA ASP C 83 -10.72 11.58 -2.11
C ASP C 83 -9.23 11.86 -2.26
N PHE C 84 -8.60 12.50 -1.26
CA PHE C 84 -7.17 12.75 -1.28
C PHE C 84 -6.43 11.50 -0.82
N ALA C 85 -5.93 10.72 -1.80
CA ALA C 85 -5.21 9.46 -1.61
C ALA C 85 -4.30 9.14 -2.81
N VAL C 86 -3.82 7.89 -2.90
CA VAL C 86 -2.96 7.45 -3.99
C VAL C 86 -3.83 6.56 -4.84
N TYR C 87 -3.77 6.76 -6.17
CA TYR C 87 -4.61 6.02 -7.11
C TYR C 87 -3.74 5.20 -8.05
N TYR C 88 -4.10 3.91 -8.25
CA TYR C 88 -3.31 3.02 -9.09
C TYR C 88 -4.15 2.43 -10.22
N CYS C 89 -3.60 2.36 -11.43
CA CYS C 89 -4.29 1.67 -12.50
C CYS C 89 -3.59 0.30 -12.64
N GLN C 90 -4.33 -0.72 -13.10
CA GLN C 90 -3.80 -2.07 -13.19
C GLN C 90 -4.47 -2.88 -14.31
N GLN C 91 -3.69 -3.74 -14.98
CA GLN C 91 -4.16 -4.76 -15.91
C GLN C 91 -3.36 -5.98 -15.53
N TYR C 92 -4.06 -7.03 -15.08
CA TYR C 92 -3.44 -8.26 -14.61
C TYR C 92 -2.18 -8.07 -13.76
N GLU C 93 -1.05 -8.75 -14.11
CA GLU C 93 0.21 -8.65 -13.33
C GLU C 93 0.87 -7.28 -13.29
N THR C 94 0.33 -6.30 -14.04
CA THR C 94 0.89 -4.96 -14.20
C THR C 94 0.12 -3.89 -13.45
N PHE C 95 0.83 -3.13 -12.57
CA PHE C 95 0.30 -2.00 -11.78
C PHE C 95 1.00 -0.71 -12.18
N GLY C 96 0.29 0.41 -12.09
CA GLY C 96 0.87 1.73 -12.35
C GLY C 96 1.74 2.12 -11.19
N GLN C 97 2.62 3.11 -11.37
CA GLN C 97 3.45 3.51 -10.23
C GLN C 97 2.71 4.40 -9.21
N GLY C 98 1.46 4.76 -9.52
CA GLY C 98 0.57 5.53 -8.66
C GLY C 98 0.55 7.04 -8.89
N THR C 99 -0.59 7.67 -8.52
CA THR C 99 -0.76 9.13 -8.56
C THR C 99 -1.28 9.57 -7.20
N LYS C 100 -0.50 10.41 -6.47
CA LYS C 100 -0.98 10.94 -5.21
C LYS C 100 -1.82 12.17 -5.56
N VAL C 101 -3.01 12.27 -4.97
CA VAL C 101 -3.88 13.43 -5.17
C VAL C 101 -3.90 14.12 -3.83
N GLU C 102 -3.30 15.33 -3.75
CA GLU C 102 -3.12 16.10 -2.52
C GLU C 102 -3.82 17.44 -2.44
N ILE C 103 -4.09 17.91 -1.21
CA ILE C 103 -4.77 19.18 -0.98
C ILE C 103 -3.84 20.33 -1.34
N LYS C 104 -4.24 21.14 -2.32
CA LYS C 104 -3.49 22.31 -2.69
C LYS C 104 -3.92 23.43 -1.76
N ARG C 105 -2.93 24.05 -1.12
CA ARG C 105 -3.10 25.19 -0.25
C ARG C 105 -2.17 26.30 -0.71
N THR C 106 -2.32 27.48 -0.12
CA THR C 106 -1.48 28.61 -0.45
C THR C 106 -0.06 28.31 0.03
N VAL C 107 0.97 28.62 -0.79
CA VAL C 107 2.39 28.34 -0.50
C VAL C 107 2.80 28.84 0.90
N ALA C 108 3.45 27.97 1.68
CA ALA C 108 3.89 28.27 3.03
C ALA C 108 5.33 27.86 3.21
N ALA C 109 6.20 28.83 3.60
CA ALA C 109 7.62 28.64 3.83
C ALA C 109 7.86 27.87 5.13
N PRO C 110 8.89 26.98 5.20
CA PRO C 110 9.13 26.25 6.45
C PRO C 110 9.79 27.10 7.52
N SER C 111 9.47 26.82 8.79
CA SER C 111 10.13 27.41 9.94
C SER C 111 11.31 26.44 10.17
N VAL C 112 12.55 26.92 10.06
CA VAL C 112 13.74 26.05 10.18
C VAL C 112 14.41 26.11 11.59
N PHE C 113 14.78 24.93 12.13
CA PHE C 113 15.42 24.83 13.45
C PHE C 113 16.48 23.78 13.36
N ILE C 114 17.61 24.01 14.06
CA ILE C 114 18.72 23.08 14.11
C ILE C 114 18.92 22.67 15.56
N PHE C 115 19.26 21.39 15.77
CA PHE C 115 19.47 20.80 17.10
C PHE C 115 20.80 20.09 17.19
N PRO C 116 21.74 20.60 18.02
CA PRO C 116 23.02 19.90 18.16
C PRO C 116 22.82 18.60 18.95
N PRO C 117 23.75 17.61 18.81
CA PRO C 117 23.59 16.37 19.57
C PRO C 117 23.64 16.66 21.07
N SER C 118 22.77 15.97 21.83
CA SER C 118 22.73 16.12 23.27
C SER C 118 24.03 15.60 23.89
N ASP C 119 24.44 16.14 25.05
CA ASP C 119 25.63 15.69 25.75
C ASP C 119 25.46 14.22 26.13
N GLU C 120 24.23 13.83 26.47
CA GLU C 120 23.84 12.47 26.84
C GLU C 120 24.27 11.42 25.79
N GLN C 121 23.95 11.68 24.50
CA GLN C 121 24.27 10.85 23.34
C GLN C 121 25.77 10.85 23.03
N LEU C 122 26.45 11.96 23.26
CA LEU C 122 27.87 12.05 22.95
C LEU C 122 28.74 11.09 23.78
N LYS C 123 28.27 10.71 24.99
CA LYS C 123 28.98 9.75 25.84
C LYS C 123 28.83 8.34 25.25
N SER C 124 27.76 8.11 24.45
CA SER C 124 27.45 6.84 23.77
C SER C 124 28.45 6.54 22.64
N GLY C 125 28.99 7.60 22.03
CA GLY C 125 29.96 7.44 20.95
C GLY C 125 29.53 7.94 19.58
N THR C 126 28.22 8.22 19.39
CA THR C 126 27.71 8.75 18.11
C THR C 126 26.97 10.09 18.27
N ALA C 127 26.91 10.87 17.20
CA ALA C 127 26.29 12.18 17.25
C ALA C 127 25.25 12.40 16.17
N SER C 128 24.03 12.76 16.59
CA SER C 128 22.93 13.01 15.69
C SER C 128 22.59 14.49 15.71
N VAL C 129 22.68 15.13 14.54
CA VAL C 129 22.34 16.54 14.37
C VAL C 129 21.02 16.57 13.67
N VAL C 130 20.02 17.18 14.30
CA VAL C 130 18.68 17.20 13.73
C VAL C 130 18.29 18.57 13.25
N CYS C 131 17.74 18.60 12.03
CA CYS C 131 17.23 19.80 11.39
C CYS C 131 15.76 19.68 11.05
N LEU C 132 14.95 20.52 11.70
CA LEU C 132 13.50 20.56 11.52
C LEU C 132 13.06 21.64 10.51
N LEU C 133 12.17 21.24 9.57
CA LEU C 133 11.50 22.10 8.59
C LEU C 133 10.03 22.02 8.99
N ASN C 134 9.51 23.09 9.61
CA ASN C 134 8.16 23.03 10.14
C ASN C 134 7.07 23.73 9.38
N ASN C 135 5.91 23.04 9.30
CA ASN C 135 4.66 23.50 8.70
C ASN C 135 4.84 24.23 7.35
N PHE C 136 5.03 23.46 6.27
CA PHE C 136 5.28 24.02 4.94
C PHE C 136 4.47 23.41 3.77
N TYR C 137 4.35 24.19 2.68
CA TYR C 137 3.69 23.78 1.46
C TYR C 137 4.28 24.50 0.26
N PRO C 138 4.58 23.82 -0.87
CA PRO C 138 4.48 22.37 -1.12
C PRO C 138 5.58 21.53 -0.45
N ARG C 139 5.50 20.18 -0.64
CA ARG C 139 6.40 19.16 -0.09
C ARG C 139 7.85 19.25 -0.59
N GLU C 140 8.04 19.55 -1.87
CA GLU C 140 9.35 19.67 -2.50
C GLU C 140 10.21 20.65 -1.70
N ALA C 141 11.31 20.14 -1.10
CA ALA C 141 12.27 20.89 -0.29
C ALA C 141 13.63 20.22 -0.33
N LYS C 142 14.68 21.03 -0.51
CA LYS C 142 16.08 20.58 -0.54
C LYS C 142 16.74 20.93 0.78
N VAL C 143 17.27 19.91 1.48
CA VAL C 143 18.02 20.06 2.73
C VAL C 143 19.46 19.64 2.44
N GLN C 144 20.41 20.49 2.82
CA GLN C 144 21.82 20.24 2.58
C GLN C 144 22.62 20.39 3.85
N TRP C 145 23.48 19.42 4.12
CA TRP C 145 24.32 19.50 5.31
C TRP C 145 25.70 20.00 4.98
N LYS C 146 26.10 21.03 5.69
CA LYS C 146 27.42 21.62 5.58
C LYS C 146 28.15 21.52 6.92
N VAL C 147 29.21 20.71 6.96
CA VAL C 147 30.08 20.51 8.12
C VAL C 147 31.31 21.35 7.75
N ASP C 148 31.38 22.51 8.42
CA ASP C 148 32.27 23.65 8.18
C ASP C 148 31.69 24.26 6.85
N ASN C 149 32.43 24.17 5.72
CA ASN C 149 31.89 24.68 4.46
C ASN C 149 31.84 23.59 3.38
N ALA C 150 32.00 22.33 3.82
CA ALA C 150 31.97 21.15 2.97
C ALA C 150 30.55 20.56 2.91
N LEU C 151 30.09 20.23 1.69
CA LEU C 151 28.78 19.61 1.49
C LEU C 151 28.89 18.11 1.74
N GLN C 152 27.93 17.59 2.52
CA GLN C 152 27.84 16.19 2.94
C GLN C 152 27.06 15.30 1.96
N SER C 153 27.36 13.98 1.93
CA SER C 153 26.66 13.06 1.03
C SER C 153 25.72 11.99 1.65
N GLY C 154 26.26 10.82 1.93
CA GLY C 154 25.49 9.67 2.41
C GLY C 154 25.47 9.46 3.90
N ASN C 155 25.47 10.55 4.65
CA ASN C 155 25.47 10.50 6.10
C ASN C 155 24.20 11.14 6.67
N SER C 156 23.15 11.27 5.83
CA SER C 156 21.89 11.88 6.26
C SER C 156 20.64 11.19 5.76
N GLN C 157 19.59 11.21 6.61
CA GLN C 157 18.29 10.62 6.31
C GLN C 157 17.15 11.58 6.65
N GLU C 158 16.12 11.64 5.77
CA GLU C 158 14.99 12.52 6.04
C GLU C 158 13.66 11.80 6.28
N SER C 159 12.66 12.53 6.82
CA SER C 159 11.33 12.00 7.16
C SER C 159 10.32 13.11 7.05
N VAL C 160 9.19 12.83 6.40
CA VAL C 160 8.12 13.79 6.18
C VAL C 160 6.84 13.31 6.84
N THR C 161 6.09 14.25 7.40
CA THR C 161 4.79 13.96 7.96
C THR C 161 3.75 13.82 6.83
N GLU C 162 2.61 13.19 7.12
CA GLU C 162 1.52 13.13 6.14
C GLU C 162 0.86 14.51 6.21
N GLN C 163 0.41 15.06 5.08
CA GLN C 163 -0.22 16.38 4.98
C GLN C 163 -1.23 16.61 6.14
N ASP C 164 -1.07 17.71 6.91
CA ASP C 164 -1.93 18.00 8.07
C ASP C 164 -3.41 18.09 7.75
N SER C 165 -4.23 17.47 8.62
CA SER C 165 -5.68 17.40 8.50
C SER C 165 -6.37 18.74 8.72
N LYS C 166 -5.71 19.65 9.47
CA LYS C 166 -6.26 20.95 9.80
C LYS C 166 -5.72 22.12 8.99
N ASP C 167 -4.42 22.09 8.58
CA ASP C 167 -3.82 23.21 7.83
C ASP C 167 -3.17 22.88 6.49
N SER C 168 -3.19 21.59 6.09
CA SER C 168 -2.67 21.07 4.82
C SER C 168 -1.17 21.28 4.55
N THR C 169 -0.36 21.39 5.61
CA THR C 169 1.08 21.57 5.48
C THR C 169 1.82 20.26 5.77
N TYR C 170 3.14 20.28 5.55
CA TYR C 170 4.05 19.19 5.80
C TYR C 170 5.10 19.63 6.79
N SER C 171 5.85 18.66 7.30
CA SER C 171 6.95 18.88 8.20
C SER C 171 7.97 17.83 7.90
N LEU C 172 9.24 18.20 7.92
CA LEU C 172 10.32 17.32 7.55
C LEU C 172 11.43 17.44 8.57
N SER C 173 12.09 16.29 8.85
CA SER C 173 13.24 16.23 9.74
C SER C 173 14.43 15.68 8.96
N SER C 174 15.62 16.25 9.14
CA SER C 174 16.84 15.72 8.53
C SER C 174 17.85 15.36 9.63
N THR C 175 18.23 14.09 9.71
CA THR C 175 19.14 13.67 10.75
C THR C 175 20.50 13.29 10.19
N LEU C 176 21.47 14.19 10.36
CA LEU C 176 22.85 13.90 9.97
C LEU C 176 23.51 13.16 11.13
N THR C 177 23.97 11.91 10.90
CA THR C 177 24.68 11.14 11.92
C THR C 177 26.13 10.89 11.54
N LEU C 178 27.03 11.08 12.51
CA LEU C 178 28.48 10.87 12.42
C LEU C 178 28.96 10.43 13.80
N SER C 179 30.20 9.87 13.87
CA SER C 179 30.81 9.40 15.12
C SER C 179 31.24 10.57 16.02
N LYS C 180 31.37 10.31 17.36
CA LYS C 180 31.84 11.31 18.33
C LYS C 180 33.19 11.81 17.82
N ALA C 181 34.07 10.88 17.39
CA ALA C 181 35.40 11.13 16.81
C ALA C 181 35.34 12.15 15.64
N ASP C 182 34.36 11.97 14.72
CA ASP C 182 34.15 12.83 13.56
C ASP C 182 33.52 14.16 13.97
N TYR C 183 32.51 14.12 14.85
CA TYR C 183 31.83 15.31 15.35
C TYR C 183 32.76 16.24 16.09
N GLU C 184 33.69 15.68 16.89
CA GLU C 184 34.63 16.46 17.69
C GLU C 184 35.77 17.12 16.94
N LYS C 185 35.89 16.90 15.62
CA LYS C 185 36.97 17.56 14.88
C LYS C 185 36.54 18.80 14.07
N HIS C 186 35.22 18.97 13.88
CA HIS C 186 34.68 20.09 13.09
C HIS C 186 33.86 21.08 13.92
N LYS C 187 33.97 22.39 13.60
CA LYS C 187 33.33 23.48 14.34
C LYS C 187 31.90 23.87 13.89
N VAL C 188 31.72 24.24 12.60
CA VAL C 188 30.45 24.70 12.02
C VAL C 188 29.59 23.55 11.50
N TYR C 189 28.32 23.50 11.93
CA TYR C 189 27.33 22.50 11.47
C TYR C 189 26.14 23.25 10.96
N ALA C 190 25.97 23.27 9.62
CA ALA C 190 24.91 24.00 8.95
C ALA C 190 23.97 23.11 8.15
N CYS C 191 22.71 23.54 8.18
CA CYS C 191 21.56 22.95 7.56
C CYS C 191 21.01 23.99 6.58
N GLU C 192 21.17 23.78 5.25
CA GLU C 192 20.74 24.73 4.22
C GLU C 192 19.44 24.28 3.52
N VAL C 193 18.39 25.11 3.67
CA VAL C 193 17.05 24.83 3.16
C VAL C 193 16.67 25.63 1.94
N THR C 194 16.33 24.89 0.87
CA THR C 194 15.81 25.45 -0.36
C THR C 194 14.30 25.12 -0.46
N HIS C 195 13.47 26.14 -0.66
CA HIS C 195 12.01 26.02 -0.77
C HIS C 195 11.39 27.18 -1.56
N GLN C 196 10.26 26.90 -2.22
CA GLN C 196 9.49 27.84 -3.04
C GLN C 196 9.05 29.09 -2.26
N GLY C 197 8.67 28.90 -0.98
CA GLY C 197 8.19 29.96 -0.10
C GLY C 197 9.28 30.87 0.46
N LEU C 198 10.55 30.49 0.19
CA LEU C 198 11.76 31.19 0.60
C LEU C 198 12.40 31.86 -0.61
N SER C 199 12.55 33.20 -0.56
CA SER C 199 13.12 34.03 -1.62
C SER C 199 14.51 33.57 -2.06
N SER C 200 15.35 33.24 -1.06
CA SER C 200 16.72 32.74 -1.18
C SER C 200 16.79 31.59 -0.17
N PRO C 201 17.79 30.68 -0.20
CA PRO C 201 17.81 29.60 0.81
C PRO C 201 18.14 30.10 2.23
N VAL C 202 17.65 29.34 3.23
CA VAL C 202 17.77 29.62 4.67
C VAL C 202 18.72 28.62 5.31
N THR C 203 19.79 29.14 5.89
CA THR C 203 20.77 28.33 6.59
C THR C 203 20.61 28.59 8.08
N LYS C 204 20.71 27.51 8.88
CA LYS C 204 20.69 27.52 10.33
C LYS C 204 21.93 26.73 10.75
N SER C 205 22.71 27.31 11.68
CA SER C 205 23.96 26.68 12.11
C SER C 205 24.27 26.89 13.59
N PHE C 206 25.28 26.14 14.06
CA PHE C 206 25.79 26.23 15.41
C PHE C 206 27.27 25.95 15.40
N ASN C 207 27.98 26.58 16.33
CA ASN C 207 29.38 26.34 16.58
C ASN C 207 29.37 25.34 17.72
N ARG C 208 30.10 24.23 17.56
CA ARG C 208 30.22 23.16 18.57
C ARG C 208 30.79 23.68 19.90
N GLY C 209 30.01 23.51 20.96
CA GLY C 209 30.40 23.92 22.31
C GLY C 209 30.21 25.40 22.64
N GLU C 210 29.11 25.99 22.14
CA GLU C 210 28.67 27.37 22.39
C GLU C 210 27.14 27.43 22.36
N CYS C 211 26.51 27.61 23.55
CA CYS C 211 25.05 27.67 23.78
C CYS C 211 24.70 28.22 25.18
N ALA C 212 23.51 28.85 25.31
CA ALA C 212 23.00 29.42 26.57
C ALA C 212 22.56 28.33 27.56
S SO4 D . -11.64 -5.81 -27.52
O1 SO4 D . -10.28 -5.76 -28.06
O2 SO4 D . -12.14 -7.19 -27.56
O3 SO4 D . -12.55 -4.93 -28.30
O4 SO4 D . -11.63 -5.37 -26.13
S SO4 E . -19.44 -4.06 -32.87
O1 SO4 E . -18.17 -4.03 -33.60
O2 SO4 E . -20.27 -5.14 -33.42
O3 SO4 E . -20.13 -2.76 -33.02
O4 SO4 E . -19.18 -4.29 -31.46
C3' NHE F . -7.55 -32.23 -18.81
C2' NHE F . -6.38 -31.52 -18.14
C1' NHE F . -6.69 -30.05 -17.85
C6' NHE F . -7.89 -29.58 -18.68
N NHE F . -5.48 -29.24 -17.61
C1 NHE F . -5.70 -27.92 -17.01
C2 NHE F . -4.32 -27.30 -16.72
S NHE F . -3.82 -26.36 -18.01
O1 NHE F . -2.56 -25.77 -17.63
O2 NHE F . -3.70 -27.25 -19.15
O3 NHE F . -4.88 -25.37 -18.18
C5' NHE F . -9.16 -30.35 -18.33
C4' NHE F . -8.89 -31.85 -18.20
C3' NHE G . -11.28 -34.48 -18.34
C2' NHE G . -11.23 -34.08 -16.86
C1' NHE G . -12.57 -33.52 -16.40
C6' NHE G . -13.64 -33.71 -17.46
N NHE G . -12.72 -32.21 -15.73
C1 NHE G . -11.86 -31.98 -14.57
C2 NHE G . -10.76 -30.93 -14.93
S NHE G . -10.64 -29.66 -13.82
O1 NHE G . -9.91 -30.16 -12.68
O2 NHE G . -9.97 -28.57 -14.50
O3 NHE G . -12.01 -29.29 -13.47
C5' NHE G . -13.66 -35.15 -17.98
C4' NHE G . -12.33 -35.54 -18.59
C3' NHE H . -18.52 -19.39 -19.21
C2' NHE H . -19.72 -20.04 -18.53
C1' NHE H . -19.71 -19.77 -17.02
C6' NHE H . -19.62 -18.28 -16.73
N NHE H . -18.90 -20.79 -16.34
C1 NHE H . -19.06 -20.86 -14.88
C2 NHE H . -20.34 -21.66 -14.51
S NHE H . -20.83 -21.38 -12.92
O1 NHE H . -20.74 -19.95 -12.70
O2 NHE H . -22.18 -21.89 -12.79
O3 NHE H . -19.89 -22.12 -12.08
C5' NHE H . -18.40 -17.66 -17.40
C4' NHE H . -18.43 -17.90 -18.91
S SO4 I . 3.74 -26.98 4.30
O1 SO4 I . 2.32 -26.70 4.48
O2 SO4 I . 3.91 -28.40 3.92
O3 SO4 I . 4.45 -26.68 5.55
O4 SO4 I . 4.28 -26.15 3.22
S SO4 J . 14.43 -11.16 21.03
O1 SO4 J . 12.96 -11.01 21.02
O2 SO4 J . 14.99 -11.23 19.64
O3 SO4 J . 14.79 -12.38 21.74
O4 SO4 J . 15.05 -10.04 21.78
S SO4 K . 12.35 -22.18 10.33
O1 SO4 K . 13.62 -22.04 11.05
O2 SO4 K . 11.42 -21.14 10.79
O3 SO4 K . 11.75 -23.50 10.59
O4 SO4 K . 12.62 -22.06 8.89
S SO4 L . 0.86 0.31 28.41
O1 SO4 L . -0.03 -0.71 27.82
O2 SO4 L . 0.50 1.64 27.91
O3 SO4 L . 2.24 -0.01 28.04
O4 SO4 L . 0.70 0.26 29.85
S SO4 M . -20.25 -11.39 -4.91
O1 SO4 M . -20.81 -11.13 -3.57
O2 SO4 M . -19.45 -12.63 -4.88
O3 SO4 M . -21.34 -11.55 -5.88
O4 SO4 M . -19.41 -10.25 -5.32
C3' NHE N . 2.67 -14.66 -15.60
C2' NHE N . 2.10 -15.33 -16.85
C1' NHE N . 1.64 -14.30 -17.87
C6' NHE N . 0.48 -13.48 -17.32
N NHE N . 1.29 -14.92 -19.17
C1 NHE N . 2.24 -14.77 -20.27
C2 NHE N . 3.61 -15.58 -20.05
S NHE N . 3.63 -17.20 -20.60
O1 NHE N . 4.96 -17.45 -21.11
O2 NHE N . 3.30 -18.04 -19.45
O3 NHE N . 2.61 -17.26 -21.65
C5' NHE N . 0.47 -13.50 -15.79
C4' NHE N . 1.87 -13.43 -15.21
C3' NHE O . 1.96 -25.60 -15.18
C2' NHE O . 3.12 -24.64 -14.89
C1' NHE O . 2.76 -23.19 -15.23
C6' NHE O . 1.42 -22.77 -14.61
N NHE O . 3.88 -22.39 -14.70
C1 NHE O . 3.81 -21.86 -13.31
C2 NHE O . 4.59 -20.50 -13.13
S NHE O . 4.13 -19.28 -14.22
O1 NHE O . 5.02 -18.16 -14.01
O2 NHE O . 4.24 -19.85 -15.56
O3 NHE O . 2.75 -18.97 -13.85
C5' NHE O . 0.31 -23.76 -14.91
C4' NHE O . 0.69 -25.17 -14.48
S SO4 P . -12.70 4.25 2.90
O1 SO4 P . -12.28 4.91 4.16
O2 SO4 P . -11.52 3.99 2.06
O3 SO4 P . -13.38 2.98 3.22
O4 SO4 P . -13.63 5.12 2.19
S SO4 Q . 37.66 22.95 19.71
O1 SO4 Q . 37.73 21.98 20.80
O2 SO4 Q . 36.27 23.12 19.31
O3 SO4 Q . 38.46 22.46 18.57
O4 SO4 Q . 38.17 24.24 20.16
S SO4 R . 4.87 15.06 -11.45
O1 SO4 R . 5.22 16.29 -12.15
O2 SO4 R . 3.83 15.38 -10.45
O3 SO4 R . 6.06 14.50 -10.78
O4 SO4 R . 4.38 14.09 -12.44
S SO4 S . -16.12 7.22 0.70
O1 SO4 S . -17.17 7.96 0.00
O2 SO4 S . -14.84 7.43 0.03
O3 SO4 S . -16.48 5.79 0.69
O4 SO4 S . -16.02 7.69 2.09
S SO4 T . -20.89 7.58 -16.13
O1 SO4 T . -21.88 6.50 -16.00
O2 SO4 T . -20.28 7.53 -17.47
O3 SO4 T . -21.55 8.87 -15.93
O4 SO4 T . -19.82 7.39 -15.15
S SO4 U . -21.37 11.96 -5.47
O1 SO4 U . -22.51 11.58 -4.63
O2 SO4 U . -21.75 13.01 -6.42
O3 SO4 U . -20.31 12.46 -4.60
O4 SO4 U . -20.89 10.80 -6.21
#